data_3Q2U
#
_entry.id   3Q2U
#
_cell.length_a   85.077
_cell.length_b   79.532
_cell.length_c   38.849
_cell.angle_alpha   90.00
_cell.angle_beta   90.00
_cell.angle_gamma   90.00
#
_symmetry.space_group_name_H-M   'P 21 21 2'
#
loop_
_entity.id
_entity.type
_entity.pdbx_description
1 polymer 'Glioma pathogenesis-related protein 1'
2 non-polymer GLYCEROL
3 water water
#
_entity_poly.entity_id   1
_entity_poly.type   'polypeptide(L)'
_entity_poly.pdbx_seq_one_letter_code
;EAEAEFANILPDIENEDFIKDCVRIHNKFRSEVKPTASDMLYMTWDPALAQIAKAWASNCQFSHNTRLKPPHKLHPNFTS
LGENIWTGSVPIFSVSSAITNWYDEIQDYDFKTRICKKVCGHYTQVVWADSYKVGCAVQFCPKVSGFDALSNGAHFICNY
GPGGNYPTWPYKRGATCSACPNNDKCLDNLCVNRQRDQVKRYYSV
;
_entity_poly.pdbx_strand_id   A
#
loop_
_chem_comp.id
_chem_comp.type
_chem_comp.name
_chem_comp.formula
GOL non-polymer GLYCEROL 'C3 H8 O3'
#
# COMPACT_ATOMS: atom_id res chain seq x y z
N ALA A 7 -9.92 24.17 2.91
CA ALA A 7 -9.79 23.59 4.29
C ALA A 7 -8.86 22.35 4.27
N ASN A 8 -9.25 21.29 3.54
CA ASN A 8 -8.48 20.02 3.51
C ASN A 8 -7.40 20.14 2.46
N ILE A 9 -6.15 19.90 2.88
CA ILE A 9 -4.97 20.08 2.00
C ILE A 9 -4.66 18.78 1.28
N LEU A 10 -4.46 18.80 -0.03
CA LEU A 10 -4.09 17.53 -0.62
C LEU A 10 -2.57 17.65 -0.83
N PRO A 11 -1.78 16.83 -0.13
CA PRO A 11 -0.33 17.04 -0.10
C PRO A 11 0.33 16.58 -1.41
N ASP A 12 1.49 17.18 -1.69
CA ASP A 12 2.32 16.72 -2.82
C ASP A 12 3.22 15.53 -2.37
N ILE A 13 3.78 14.84 -3.35
CA ILE A 13 4.43 13.55 -3.04
C ILE A 13 5.75 13.73 -2.28
N GLU A 14 6.24 14.95 -2.16
CA GLU A 14 7.49 15.17 -1.35
C GLU A 14 7.20 15.77 0.02
N ASN A 15 5.91 15.94 0.38
CA ASN A 15 5.56 16.59 1.63
C ASN A 15 5.99 15.62 2.75
N GLU A 16 6.87 16.10 3.65
CA GLU A 16 7.46 15.23 4.64
C GLU A 16 6.47 14.61 5.57
N ASP A 17 5.43 15.36 5.94
CA ASP A 17 4.37 14.76 6.79
C ASP A 17 3.54 13.70 6.11
N PHE A 18 3.22 13.95 4.83
CA PHE A 18 2.56 12.95 3.99
C PHE A 18 3.34 11.63 3.91
N ILE A 19 4.65 11.74 3.65
CA ILE A 19 5.52 10.56 3.57
C ILE A 19 5.50 9.83 4.92
N LYS A 20 5.71 10.57 6.01
CA LYS A 20 5.68 9.95 7.37
C LYS A 20 4.39 9.27 7.65
N ASP A 21 3.27 9.91 7.33
CA ASP A 21 1.97 9.30 7.55
C ASP A 21 1.81 8.00 6.75
N CYS A 22 2.17 8.03 5.47
CA CYS A 22 1.98 6.84 4.67
C CYS A 22 2.78 5.69 5.26
N VAL A 23 4.04 5.94 5.66
CA VAL A 23 4.91 4.85 6.10
C VAL A 23 4.44 4.41 7.47
N ARG A 24 4.24 5.34 8.38
CA ARG A 24 3.91 4.95 9.77
C ARG A 24 2.62 4.16 9.83
N ILE A 25 1.64 4.59 9.05
CA ILE A 25 0.30 3.99 9.15
C ILE A 25 0.32 2.59 8.52
N HIS A 26 1.00 2.45 7.35
CA HIS A 26 1.24 1.06 6.84
C HIS A 26 1.92 0.20 7.90
N ASN A 27 3.02 0.68 8.50
CA ASN A 27 3.70 -0.17 9.48
C ASN A 27 2.85 -0.48 10.68
N LYS A 28 2.01 0.47 11.13
CA LYS A 28 1.23 0.17 12.32
C LYS A 28 0.28 -1.02 12.04
N PHE A 29 -0.40 -0.97 10.90
CA PHE A 29 -1.22 -2.13 10.51
C PHE A 29 -0.42 -3.42 10.35
N ARG A 30 0.75 -3.36 9.73
CA ARG A 30 1.62 -4.55 9.57
C ARG A 30 2.12 -5.09 10.93
N SER A 31 2.37 -4.19 11.89
CA SER A 31 2.80 -4.58 13.27
C SER A 31 1.75 -5.34 13.99
N GLU A 32 0.51 -4.97 13.76
CA GLU A 32 -0.58 -5.38 14.65
C GLU A 32 -1.42 -6.52 14.11
N VAL A 33 -0.97 -7.20 13.04
CA VAL A 33 -1.83 -8.21 12.43
C VAL A 33 -2.11 -9.39 13.35
N LYS A 34 -3.25 -10.03 13.07
CA LYS A 34 -3.76 -11.20 13.77
C LYS A 34 -4.33 -12.03 12.68
N PRO A 35 -3.86 -13.27 12.53
CA PRO A 35 -2.83 -13.92 13.33
C PRO A 35 -1.45 -13.21 13.18
N THR A 36 -0.56 -13.36 14.16
CA THR A 36 0.77 -12.74 14.08
C THR A 36 1.49 -13.32 12.84
N ALA A 37 2.43 -12.50 12.32
CA ALA A 37 3.19 -12.78 11.15
C ALA A 37 4.63 -13.07 11.55
N SER A 38 5.22 -14.11 10.96
CA SER A 38 6.63 -14.47 11.20
C SER A 38 7.63 -13.70 10.33
N ASP A 39 7.14 -13.16 9.23
CA ASP A 39 8.00 -12.63 8.14
C ASP A 39 7.66 -11.24 7.64
N MET A 40 6.98 -10.43 8.48
CA MET A 40 6.45 -9.15 7.97
C MET A 40 7.63 -8.15 7.88
N LEU A 41 7.94 -7.70 6.66
CA LEU A 41 9.04 -6.74 6.49
C LEU A 41 8.60 -5.34 6.87
N TYR A 42 9.52 -4.60 7.46
CA TYR A 42 9.35 -3.16 7.76
C TYR A 42 9.26 -2.42 6.41
N MET A 43 8.30 -1.51 6.31
CA MET A 43 8.02 -0.85 5.06
C MET A 43 8.65 0.54 5.10
N THR A 44 9.35 0.96 4.05
CA THR A 44 9.81 2.37 3.96
C THR A 44 9.39 3.07 2.67
N TRP A 45 9.58 4.38 2.63
CA TRP A 45 9.15 5.13 1.48
C TRP A 45 10.12 4.94 0.31
N ASP A 46 9.56 4.98 -0.90
CA ASP A 46 10.40 4.97 -2.10
C ASP A 46 9.95 6.09 -3.02
N PRO A 47 10.77 7.12 -3.21
CA PRO A 47 10.25 8.25 -3.97
C PRO A 47 10.02 7.89 -5.44
N ALA A 48 10.70 6.87 -5.97
CA ALA A 48 10.43 6.42 -7.34
C ALA A 48 9.03 5.81 -7.43
N LEU A 49 8.66 5.05 -6.41
CA LEU A 49 7.28 4.56 -6.38
C LEU A 49 6.26 5.69 -6.27
N ALA A 50 6.60 6.73 -5.50
CA ALA A 50 5.65 7.85 -5.34
C ALA A 50 5.50 8.57 -6.72
N GLN A 51 6.59 8.68 -7.49
CA GLN A 51 6.47 9.35 -8.81
C GLN A 51 5.61 8.52 -9.72
N ILE A 52 5.74 7.22 -9.61
CA ILE A 52 4.93 6.30 -10.41
C ILE A 52 3.44 6.47 -10.05
N ALA A 53 3.17 6.48 -8.75
CA ALA A 53 1.77 6.73 -8.27
C ALA A 53 1.24 8.08 -8.70
N LYS A 54 2.08 9.12 -8.60
CA LYS A 54 1.69 10.47 -9.07
C LYS A 54 1.23 10.43 -10.55
N ALA A 55 2.03 9.81 -11.43
CA ALA A 55 1.78 9.84 -12.86
C ALA A 55 0.46 9.09 -13.15
N TRP A 56 0.26 7.93 -12.52
CA TRP A 56 -0.98 7.21 -12.76
C TRP A 56 -2.20 7.93 -12.09
N ALA A 57 -2.04 8.44 -10.86
CA ALA A 57 -3.21 9.11 -10.19
C ALA A 57 -3.68 10.28 -11.06
N SER A 58 -2.75 10.95 -11.76
CA SER A 58 -3.06 12.11 -12.62
CA SER A 58 -3.10 12.11 -12.59
C SER A 58 -4.10 11.73 -13.70
N ASN A 59 -4.23 10.44 -14.05
CA ASN A 59 -5.23 10.02 -15.02
C ASN A 59 -6.65 9.97 -14.50
N CYS A 60 -6.82 10.04 -13.19
CA CYS A 60 -8.14 10.08 -12.56
C CYS A 60 -9.02 8.93 -13.07
N GLN A 61 -8.49 7.69 -12.98
CA GLN A 61 -9.24 6.50 -13.35
C GLN A 61 -9.27 5.57 -12.17
N PHE A 62 -10.44 4.98 -11.93
CA PHE A 62 -10.56 4.01 -10.86
C PHE A 62 -10.22 2.61 -11.43
N SER A 63 -8.99 2.43 -11.88
CA SER A 63 -8.52 1.17 -12.51
C SER A 63 -7.02 1.12 -12.37
N HIS A 64 -6.48 -0.11 -12.45
CA HIS A 64 -5.07 -0.29 -12.19
C HIS A 64 -4.19 0.29 -13.31
N ASN A 65 -3.06 0.82 -12.88
CA ASN A 65 -1.98 1.24 -13.77
C ASN A 65 -1.75 0.07 -14.71
N THR A 66 -1.68 0.31 -16.02
CA THR A 66 -1.54 -0.80 -16.95
C THR A 66 -0.09 -1.25 -17.13
N ARG A 67 0.83 -0.60 -16.43
CA ARG A 67 2.26 -0.91 -16.64
C ARG A 67 2.89 -1.43 -15.35
N LEU A 68 2.10 -2.08 -14.50
CA LEU A 68 2.66 -2.65 -13.24
C LEU A 68 3.38 -3.98 -13.42
N LYS A 69 3.24 -4.64 -14.57
CA LYS A 69 3.79 -6.03 -14.72
C LYS A 69 4.62 -6.14 -15.99
N PRO A 70 5.47 -7.16 -16.08
CA PRO A 70 6.12 -7.43 -17.39
C PRO A 70 5.09 -7.45 -18.48
N PRO A 71 5.41 -6.94 -19.70
CA PRO A 71 6.77 -6.53 -20.14
C PRO A 71 7.14 -5.07 -19.79
N HIS A 72 6.29 -4.40 -18.99
CA HIS A 72 6.72 -3.11 -18.44
C HIS A 72 7.66 -3.28 -17.29
N LYS A 73 8.41 -2.23 -16.98
CA LYS A 73 9.20 -2.24 -15.72
C LYS A 73 9.37 -0.80 -15.35
N LEU A 74 8.42 -0.29 -14.59
CA LEU A 74 8.52 1.14 -14.24
C LEU A 74 9.58 1.51 -13.20
N HIS A 75 9.87 0.61 -12.27
CA HIS A 75 10.88 0.83 -11.25
C HIS A 75 12.04 -0.14 -11.60
N PRO A 76 13.26 0.35 -11.66
CA PRO A 76 14.38 -0.55 -12.06
C PRO A 76 14.73 -1.71 -11.10
N ASN A 77 14.25 -1.62 -9.86
CA ASN A 77 14.54 -2.66 -8.86
C ASN A 77 13.42 -3.66 -8.54
N PHE A 78 12.27 -3.56 -9.20
CA PHE A 78 11.19 -4.53 -8.99
C PHE A 78 10.64 -5.06 -10.28
N THR A 79 10.53 -6.36 -10.37
CA THR A 79 9.87 -6.98 -11.52
C THR A 79 8.40 -6.71 -11.65
N SER A 80 7.67 -6.68 -10.51
CA SER A 80 6.23 -6.48 -10.55
C SER A 80 5.89 -5.51 -9.41
N LEU A 81 4.98 -4.58 -9.67
CA LEU A 81 4.58 -3.61 -8.65
C LEU A 81 3.17 -3.87 -8.17
N GLY A 82 2.90 -3.60 -6.90
CA GLY A 82 1.50 -3.73 -6.45
C GLY A 82 0.89 -2.34 -6.43
N GLU A 83 -0.41 -2.28 -6.15
CA GLU A 83 -1.12 -1.01 -6.24
C GLU A 83 -2.40 -1.08 -5.42
N ASN A 84 -2.61 -0.05 -4.57
CA ASN A 84 -3.89 0.15 -3.90
C ASN A 84 -4.43 1.53 -4.31
N ILE A 85 -5.73 1.61 -4.61
CA ILE A 85 -6.36 2.89 -4.97
C ILE A 85 -7.52 3.16 -4.01
N TRP A 86 -7.62 4.42 -3.59
CA TRP A 86 -8.77 4.90 -2.83
C TRP A 86 -9.27 6.18 -3.51
N THR A 87 -10.60 6.31 -3.61
CA THR A 87 -11.19 7.48 -4.29
C THR A 87 -12.35 7.90 -3.43
N GLY A 88 -12.44 9.17 -3.16
CA GLY A 88 -13.55 9.67 -2.27
C GLY A 88 -13.55 11.18 -2.30
N SER A 89 -14.32 11.82 -1.41
CA SER A 89 -14.45 13.28 -1.41
C SER A 89 -13.20 13.92 -0.83
N VAL A 90 -12.97 15.21 -1.20
CA VAL A 90 -11.79 15.89 -0.64
C VAL A 90 -11.92 16.03 0.92
N PRO A 91 -13.10 16.43 1.44
CA PRO A 91 -13.18 16.62 2.91
C PRO A 91 -12.87 15.34 3.67
N ILE A 92 -13.25 14.16 3.14
CA ILE A 92 -13.03 12.90 3.89
C ILE A 92 -11.59 12.37 3.74
N PHE A 93 -10.93 12.72 2.64
CA PHE A 93 -9.57 12.22 2.43
C PHE A 93 -8.58 12.53 3.60
N SER A 94 -7.88 11.50 4.08
CA SER A 94 -6.54 11.67 4.73
C SER A 94 -5.81 10.39 4.44
N VAL A 95 -4.52 10.40 4.63
CA VAL A 95 -3.72 9.15 4.51
C VAL A 95 -4.24 8.12 5.49
N SER A 96 -4.53 8.54 6.75
CA SER A 96 -5.07 7.63 7.72
C SER A 96 -6.42 7.01 7.24
N SER A 97 -7.38 7.83 6.79
CA SER A 97 -8.69 7.28 6.39
C SER A 97 -8.58 6.34 5.20
N ALA A 98 -7.79 6.72 4.20
CA ALA A 98 -7.66 5.86 3.00
C ALA A 98 -7.01 4.52 3.40
N ILE A 99 -5.85 4.54 4.11
CA ILE A 99 -5.22 3.25 4.41
C ILE A 99 -6.10 2.41 5.37
N THR A 100 -6.80 3.07 6.28
CA THR A 100 -7.61 2.32 7.21
C THR A 100 -8.75 1.65 6.40
N ASN A 101 -9.32 2.39 5.44
CA ASN A 101 -10.36 1.86 4.58
C ASN A 101 -9.85 0.60 3.81
N TRP A 102 -8.61 0.65 3.27
CA TRP A 102 -7.97 -0.56 2.76
C TRP A 102 -7.86 -1.72 3.79
N TYR A 103 -7.22 -1.45 4.91
CA TYR A 103 -7.05 -2.48 5.93
C TYR A 103 -8.40 -3.08 6.41
N ASP A 104 -9.42 -2.23 6.63
CA ASP A 104 -10.67 -2.68 7.21
C ASP A 104 -11.39 -3.70 6.35
N GLU A 105 -10.92 -3.92 5.10
CA GLU A 105 -11.48 -5.07 4.32
C GLU A 105 -11.19 -6.39 5.03
N ILE A 106 -10.26 -6.38 5.98
CA ILE A 106 -10.06 -7.59 6.81
C ILE A 106 -11.35 -8.15 7.36
N GLN A 107 -12.33 -7.29 7.63
CA GLN A 107 -13.65 -7.79 8.10
C GLN A 107 -14.29 -8.74 7.14
N ASP A 108 -13.89 -8.69 5.88
CA ASP A 108 -14.48 -9.63 4.86
C ASP A 108 -13.54 -10.75 4.44
N TYR A 109 -12.42 -10.90 5.13
CA TYR A 109 -11.35 -11.85 4.73
C TYR A 109 -11.26 -12.94 5.80
N ASP A 110 -11.36 -14.20 5.44
CA ASP A 110 -11.13 -15.25 6.40
C ASP A 110 -9.68 -15.81 6.25
N PHE A 111 -8.81 -15.53 7.22
CA PHE A 111 -7.40 -15.88 7.05
C PHE A 111 -7.12 -17.38 6.76
N LYS A 112 -7.78 -18.26 7.51
CA LYS A 112 -7.67 -19.71 7.38
C LYS A 112 -7.88 -20.13 5.94
N THR A 113 -8.98 -19.67 5.33
CA THR A 113 -9.33 -20.22 4.02
C THR A 113 -8.92 -19.28 2.85
N ARG A 114 -8.50 -18.04 3.19
CA ARG A 114 -8.31 -16.97 2.18
C ARG A 114 -9.59 -16.56 1.49
N ILE A 115 -10.74 -16.92 2.06
CA ILE A 115 -12.03 -16.57 1.42
C ILE A 115 -12.33 -15.10 1.70
N CYS A 116 -12.64 -14.35 0.63
CA CYS A 116 -13.02 -12.97 0.70
C CYS A 116 -14.49 -12.89 0.36
N LYS A 117 -15.28 -12.29 1.26
CA LYS A 117 -16.75 -12.13 1.11
C LYS A 117 -17.10 -11.00 0.18
N LYS A 118 -16.16 -10.07 -0.03
CA LYS A 118 -16.45 -8.91 -0.86
C LYS A 118 -15.20 -8.52 -1.59
N VAL A 119 -14.53 -7.47 -1.12
CA VAL A 119 -13.26 -6.98 -1.75
C VAL A 119 -12.16 -7.01 -0.69
N CYS A 120 -11.06 -7.74 -0.92
CA CYS A 120 -10.04 -7.86 0.17
C CYS A 120 -8.65 -7.59 -0.32
N GLY A 121 -8.51 -7.26 -1.61
CA GLY A 121 -7.15 -7.15 -2.13
C GLY A 121 -6.40 -5.87 -1.74
N HIS A 122 -7.10 -4.86 -1.18
CA HIS A 122 -6.42 -3.69 -0.58
C HIS A 122 -5.79 -4.08 0.75
N TYR A 123 -6.58 -4.72 1.60
CA TYR A 123 -6.08 -5.28 2.83
C TYR A 123 -4.86 -6.17 2.63
N THR A 124 -4.98 -7.16 1.76
CA THR A 124 -3.83 -8.12 1.59
C THR A 124 -2.56 -7.44 1.15
N GLN A 125 -2.65 -6.44 0.25
CA GLN A 125 -1.50 -5.71 -0.19
C GLN A 125 -0.93 -4.83 0.94
N VAL A 126 -1.80 -4.23 1.80
CA VAL A 126 -1.22 -3.48 2.95
C VAL A 126 -0.33 -4.40 3.86
N VAL A 127 -0.77 -5.64 4.12
CA VAL A 127 -0.09 -6.51 5.05
C VAL A 127 0.70 -7.56 4.27
N TRP A 128 1.04 -7.27 3.01
CA TRP A 128 1.83 -8.27 2.24
C TRP A 128 3.28 -8.33 2.79
N ALA A 129 3.64 -9.43 3.42
CA ALA A 129 4.90 -9.47 4.20
C ALA A 129 6.10 -9.09 3.31
N ASP A 130 6.14 -9.58 2.06
CA ASP A 130 7.34 -9.47 1.20
C ASP A 130 7.43 -8.09 0.61
N SER A 131 6.32 -7.30 0.65
CA SER A 131 6.42 -5.93 0.10
C SER A 131 7.10 -5.03 1.11
N TYR A 132 8.16 -4.29 0.76
CA TYR A 132 8.84 -3.46 1.78
C TYR A 132 9.07 -2.02 1.40
N LYS A 133 8.64 -1.65 0.18
CA LYS A 133 8.75 -0.25 -0.26
C LYS A 133 7.38 0.20 -0.68
N VAL A 134 7.03 1.45 -0.31
CA VAL A 134 5.79 2.02 -0.72
C VAL A 134 6.02 3.44 -1.22
N GLY A 135 5.22 3.88 -2.20
CA GLY A 135 5.22 5.34 -2.49
C GLY A 135 3.80 5.70 -2.94
N CYS A 136 3.28 6.87 -2.54
CA CYS A 136 1.82 7.19 -2.73
C CYS A 136 1.69 8.60 -3.26
N ALA A 137 0.50 8.91 -3.80
CA ALA A 137 0.28 10.30 -4.33
C ALA A 137 -1.23 10.47 -4.24
N VAL A 138 -1.70 11.69 -4.06
CA VAL A 138 -3.13 11.98 -4.15
C VAL A 138 -3.29 13.07 -5.22
N GLN A 139 -4.31 12.89 -6.07
CA GLN A 139 -4.59 13.81 -7.12
C GLN A 139 -5.97 14.40 -6.88
N PHE A 140 -6.15 15.68 -7.23
CA PHE A 140 -7.47 16.28 -7.29
C PHE A 140 -8.14 15.99 -8.65
N CYS A 141 -9.30 15.33 -8.62
CA CYS A 141 -9.92 14.85 -9.86
C CYS A 141 -11.34 15.43 -10.01
N PRO A 142 -11.56 16.32 -10.99
CA PRO A 142 -12.92 16.80 -11.27
C PRO A 142 -13.93 15.64 -11.47
N LYS A 143 -13.49 14.56 -12.12
CA LYS A 143 -14.30 13.33 -12.29
C LYS A 143 -13.29 12.18 -12.24
N VAL A 144 -13.72 11.00 -11.79
CA VAL A 144 -12.86 9.83 -11.80
C VAL A 144 -13.61 8.78 -12.67
N SER A 145 -12.99 8.24 -13.73
CA SER A 145 -13.70 7.25 -14.57
C SER A 145 -14.00 6.09 -13.68
N GLY A 146 -15.20 5.56 -13.84
CA GLY A 146 -15.62 4.41 -13.07
C GLY A 146 -16.50 4.85 -11.91
N PHE A 147 -16.56 6.16 -11.64
CA PHE A 147 -17.61 6.80 -10.77
C PHE A 147 -18.48 7.81 -11.50
N ASP A 148 -19.77 7.61 -11.52
CA ASP A 148 -20.54 8.55 -12.28
C ASP A 148 -20.87 9.79 -11.44
N ALA A 149 -21.23 9.60 -10.16
CA ALA A 149 -21.74 10.70 -9.31
C ALA A 149 -20.62 11.65 -8.81
N LEU A 150 -19.55 11.01 -8.32
CA LEU A 150 -18.42 11.70 -7.71
C LEU A 150 -17.91 12.90 -8.52
N SER A 151 -17.71 14.02 -7.86
CA SER A 151 -17.14 15.15 -8.57
C SER A 151 -16.15 15.84 -7.59
N ASN A 152 -15.08 16.41 -8.14
CA ASN A 152 -14.09 17.13 -7.35
C ASN A 152 -13.57 16.29 -6.21
N GLY A 153 -13.11 15.08 -6.57
CA GLY A 153 -12.69 14.09 -5.58
C GLY A 153 -11.17 14.05 -5.35
N ALA A 154 -10.78 13.31 -4.30
CA ALA A 154 -9.41 13.00 -4.01
C ALA A 154 -9.19 11.56 -4.46
N HIS A 155 -8.11 11.33 -5.20
CA HIS A 155 -7.82 10.01 -5.87
C HIS A 155 -6.39 9.67 -5.41
N PHE A 156 -6.28 8.67 -4.51
CA PHE A 156 -5.08 8.38 -3.77
C PHE A 156 -4.60 7.01 -4.19
N ILE A 157 -3.35 6.93 -4.64
CA ILE A 157 -2.76 5.72 -5.11
C ILE A 157 -1.46 5.41 -4.34
N CYS A 158 -1.31 4.19 -3.84
CA CYS A 158 0.03 3.73 -3.38
C CYS A 158 0.49 2.57 -4.23
N ASN A 159 1.78 2.61 -4.56
CA ASN A 159 2.40 1.48 -5.24
C ASN A 159 3.37 0.79 -4.33
N TYR A 160 3.57 -0.55 -4.54
CA TYR A 160 4.28 -1.37 -3.53
C TYR A 160 5.35 -2.15 -4.28
N GLY A 161 6.57 -2.22 -3.72
CA GLY A 161 7.63 -3.05 -4.28
C GLY A 161 8.23 -4.01 -3.25
N PRO A 162 8.41 -5.29 -3.61
CA PRO A 162 7.79 -5.96 -4.79
C PRO A 162 6.28 -5.99 -4.58
N GLY A 163 5.53 -6.16 -5.66
CA GLY A 163 4.08 -6.27 -5.62
C GLY A 163 3.64 -7.53 -4.91
N GLY A 164 2.48 -7.48 -4.27
CA GLY A 164 1.96 -8.68 -3.60
C GLY A 164 0.71 -9.17 -4.33
N ASN A 165 -0.20 -9.75 -3.56
CA ASN A 165 -1.49 -10.26 -4.13
C ASN A 165 -1.25 -11.38 -5.12
N TYR A 166 -0.23 -12.18 -4.82
CA TYR A 166 -0.21 -13.58 -5.40
C TYR A 166 -1.34 -14.44 -4.79
N PRO A 167 -1.70 -15.57 -5.43
CA PRO A 167 -2.77 -16.43 -4.83
C PRO A 167 -2.25 -17.29 -3.67
N THR A 168 -1.95 -16.61 -2.56
CA THR A 168 -1.45 -17.25 -1.36
C THR A 168 -1.74 -16.30 -0.19
N TRP A 169 -1.49 -16.76 1.05
CA TRP A 169 -1.65 -15.87 2.26
C TRP A 169 -0.70 -14.66 2.18
N PRO A 170 -1.10 -13.49 2.70
CA PRO A 170 -0.31 -12.28 2.50
C PRO A 170 0.96 -12.36 3.34
N TYR A 171 0.95 -13.19 4.38
CA TYR A 171 2.17 -13.33 5.21
C TYR A 171 2.15 -14.74 5.81
N LYS A 172 3.29 -15.17 6.31
CA LYS A 172 3.37 -16.51 6.92
C LYS A 172 2.99 -16.41 8.38
N ARG A 173 1.81 -16.94 8.73
CA ARG A 173 1.33 -16.86 10.12
C ARG A 173 2.33 -17.60 11.02
N GLY A 174 2.64 -16.97 12.14
CA GLY A 174 3.59 -17.57 13.06
C GLY A 174 4.05 -16.56 14.11
N ALA A 175 4.91 -17.01 15.01
CA ALA A 175 5.39 -16.11 16.08
C ALA A 175 6.10 -14.93 15.43
N THR A 176 5.82 -13.74 15.94
CA THR A 176 6.31 -12.51 15.30
C THR A 176 7.82 -12.58 15.12
N CYS A 177 8.28 -12.19 13.91
CA CYS A 177 9.71 -12.07 13.61
C CYS A 177 10.49 -13.37 13.68
N SER A 178 9.79 -14.50 13.64
CA SER A 178 10.48 -15.79 13.75
C SER A 178 10.94 -16.34 12.41
N ALA A 179 10.59 -15.65 11.34
CA ALA A 179 11.04 -16.08 10.00
C ALA A 179 11.41 -14.84 9.21
N CYS A 180 12.16 -13.94 9.86
CA CYS A 180 12.73 -12.82 9.09
C CYS A 180 13.85 -13.29 8.13
N PRO A 181 14.08 -12.56 7.05
CA PRO A 181 15.24 -12.86 6.19
C PRO A 181 16.54 -12.88 6.93
N ASN A 182 17.46 -13.73 6.48
CA ASN A 182 18.87 -13.70 6.91
C ASN A 182 19.03 -13.48 8.38
N ASN A 183 19.75 -12.46 8.77
CA ASN A 183 19.82 -12.28 10.23
C ASN A 183 19.04 -11.10 10.78
N ASP A 184 18.00 -10.66 10.05
CA ASP A 184 17.36 -9.39 10.32
C ASP A 184 16.91 -9.34 11.77
N LYS A 185 17.10 -8.19 12.40
CA LYS A 185 16.48 -7.88 13.70
C LYS A 185 14.99 -7.52 13.58
N CYS A 186 14.35 -7.30 14.74
CA CYS A 186 12.88 -7.10 14.78
C CYS A 186 12.61 -5.80 15.46
N LEU A 187 11.71 -4.99 14.91
CA LEU A 187 11.28 -3.76 15.56
C LEU A 187 9.78 -3.68 15.42
N ASP A 188 9.08 -3.53 16.56
CA ASP A 188 7.63 -3.57 16.61
C ASP A 188 7.04 -4.66 15.68
N ASN A 189 7.49 -5.89 15.83
CA ASN A 189 6.95 -7.06 15.10
C ASN A 189 7.25 -7.02 13.60
N LEU A 190 8.25 -6.23 13.21
CA LEU A 190 8.61 -6.09 11.78
C LEU A 190 10.06 -6.42 11.55
N CYS A 191 10.36 -7.12 10.45
CA CYS A 191 11.78 -7.48 10.18
C CYS A 191 12.49 -6.24 9.60
N VAL A 192 13.56 -5.75 10.24
CA VAL A 192 14.28 -4.55 9.73
C VAL A 192 15.68 -4.91 9.17
N ASN A 193 16.22 -4.07 8.30
CA ASN A 193 17.45 -4.38 7.59
C ASN A 193 17.97 -3.08 7.08
N ARG A 194 19.14 -2.66 7.59
CA ARG A 194 19.71 -1.34 7.20
C ARG A 194 19.72 -1.15 5.69
N GLN A 195 20.09 -2.18 4.93
CA GLN A 195 20.16 -2.04 3.44
C GLN A 195 18.81 -1.85 2.77
N ARG A 196 17.82 -2.70 3.10
CA ARG A 196 16.47 -2.56 2.59
C ARG A 196 15.93 -1.22 2.99
N ASP A 197 16.17 -0.81 4.25
CA ASP A 197 15.39 0.26 4.84
C ASP A 197 15.91 1.67 4.49
N GLN A 198 17.15 1.80 4.05
CA GLN A 198 17.59 3.16 3.60
C GLN A 198 16.61 3.78 2.56
N VAL A 199 16.36 5.09 2.65
CA VAL A 199 15.63 5.83 1.55
C VAL A 199 16.57 6.64 0.56
C1 GOL B . 6.61 -0.11 -20.78
O1 GOL B . 6.97 1.16 -20.28
C2 GOL B . 6.42 0.09 -22.25
O2 GOL B . 7.48 0.95 -22.56
C3 GOL B . 5.12 0.82 -22.42
O3 GOL B . 5.46 2.08 -21.90
C1 GOL C . -8.30 -4.26 -5.56
O1 GOL C . -9.09 -5.45 -5.41
C2 GOL C . -6.85 -4.67 -5.60
O2 GOL C . -5.99 -3.55 -5.75
C3 GOL C . -6.83 -5.50 -6.87
O3 GOL C . -7.70 -4.77 -7.65
C1 GOL D . 2.70 -8.89 -7.96
O1 GOL D . 1.92 -7.73 -7.60
C2 GOL D . 2.00 -9.93 -8.86
O2 GOL D . 1.53 -9.39 -10.07
C3 GOL D . 0.87 -10.70 -8.18
O3 GOL D . 0.24 -11.52 -9.14
C1 GOL E . -13.27 3.91 -3.45
O1 GOL E . -12.06 3.86 -2.86
C2 GOL E . -14.31 3.89 -2.34
O2 GOL E . -13.65 3.69 -1.09
C3 GOL E . -15.18 2.72 -2.68
O3 GOL E . -14.24 1.68 -2.71
#